data_5JZY
#
_entry.id   5JZY
#
_cell.length_a   69.920
_cell.length_b   71.509
_cell.length_c   72.295
_cell.angle_alpha   90.00
_cell.angle_beta   100.50
_cell.angle_gamma   90.00
#
_symmetry.space_group_name_H-M   'C 1 2 1'
#
loop_
_entity.id
_entity.type
_entity.pdbx_description
1 polymer Prothrombin
2 polymer Prothrombin
3 polymer 'Hirudin variant-2'
4 non-polymer 2-acetamido-2-deoxy-beta-D-glucopyranose
5 non-polymer 'DIMETHYL SULFOXIDE'
6 non-polymer 'PHOSPHATE ION'
7 non-polymer 'SODIUM ION'
8 non-polymer 3-cyclohexyl-D-alanyl-N-[(4-carbamimidoylphenyl)methyl]-L-prolinamide
9 water water
#
loop_
_entity_poly.entity_id
_entity_poly.type
_entity_poly.pdbx_seq_one_letter_code
_entity_poly.pdbx_strand_id
1 'polypeptide(L)' TFGSGEADCGLRPLFEKKSLEDKTERELLESYIDGR L
2 'polypeptide(L)'
;IVEGSDAEIGMSPWQVMLFRKSPQELLCGASLISDRWVLTAAHCLLYPPWDKNFTENDLLVRIGKHSRTRYERNIEKISM
LEKIYIHPRYNWRENLDRDIALMKLKKPVAFSDYIHPVCLPDRETAASLLQAGYKGRVTGWGNLKETWTANVGKGQPSVL
QVVNLPIVERPVCKDSTRIRITDNMFCAGYKPDEGKRGDACEGDSGGPFVMKSPFNNRWYQMGIVSWGEGCDRDGKYGFY
THVFRLKKWIQKVIDQFGE
;
H
3 'polypeptide(L)' GDFEEIPEE(TYS)LQ I
#
# COMPACT_ATOMS: atom_id res chain seq x y z
N GLY A 5 10.06 13.62 -0.32
CA GLY A 5 11.47 13.89 0.05
C GLY A 5 12.30 12.70 -0.36
N GLU A 6 12.66 12.67 -1.64
CA GLU A 6 13.34 11.50 -2.19
C GLU A 6 14.63 11.23 -1.41
N ALA A 7 15.46 12.25 -1.20
CA ALA A 7 16.76 12.04 -0.57
C ALA A 7 16.63 11.24 0.74
N ASP A 8 15.61 11.53 1.52
CA ASP A 8 15.42 10.93 2.84
C ASP A 8 14.38 9.79 2.83
N CYS A 9 14.00 9.34 1.66
CA CYS A 9 12.90 8.39 1.59
C CYS A 9 13.23 7.11 2.33
N GLY A 10 12.20 6.48 2.87
CA GLY A 10 12.32 5.13 3.38
C GLY A 10 13.04 4.99 4.69
N LEU A 11 13.35 6.09 5.36
CA LEU A 11 14.01 6.10 6.66
C LEU A 11 13.01 6.65 7.68
N ARG A 12 12.47 5.78 8.53
CA ARG A 12 11.34 6.19 9.38
C ARG A 12 11.83 7.01 10.58
N PRO A 13 11.21 8.14 10.88
CA PRO A 13 11.61 8.94 12.04
C PRO A 13 11.68 8.16 13.33
N LEU A 14 10.74 7.25 13.59
CA LEU A 14 10.70 6.56 14.88
C LEU A 14 11.48 5.26 14.88
N PHE A 15 12.10 4.90 13.77
CA PHE A 15 12.84 3.65 13.67
C PHE A 15 14.24 3.90 13.12
N GLU A 16 14.43 3.87 11.80
CA GLU A 16 15.77 4.01 11.26
C GLU A 16 16.44 5.30 11.71
N LYS A 17 15.71 6.40 11.78
N LYS A 17 15.70 6.41 11.78
CA LYS A 17 16.39 7.65 12.08
CA LYS A 17 16.31 7.69 12.14
C LYS A 17 16.99 7.67 13.47
C LYS A 17 16.81 7.72 13.59
N LYS A 18 16.40 6.91 14.40
N LYS A 18 16.33 6.80 14.42
CA LYS A 18 16.90 6.79 15.75
CA LYS A 18 16.76 6.65 15.80
C LYS A 18 17.51 5.40 16.05
C LYS A 18 17.59 5.41 16.05
N SER A 19 17.84 4.63 15.00
CA SER A 19 18.44 3.30 15.15
C SER A 19 17.64 2.41 16.10
N LEU A 20 16.33 2.41 15.96
CA LEU A 20 15.43 1.48 16.65
C LEU A 20 14.83 0.55 15.62
N GLU A 21 14.67 -0.71 16.02
N GLU A 21 14.81 -0.74 15.92
CA GLU A 21 14.19 -1.79 15.16
CA GLU A 21 14.16 -1.71 15.05
C GLU A 21 12.74 -2.08 15.51
C GLU A 21 12.72 -1.90 15.47
N ASP A 22 11.88 -2.18 14.48
CA ASP A 22 10.51 -2.60 14.77
C ASP A 22 10.49 -4.10 15.09
N LYS A 23 9.34 -4.58 15.58
CA LYS A 23 9.29 -5.90 16.17
C LYS A 23 9.40 -7.05 15.16
N THR A 24 9.18 -6.80 13.86
CA THR A 24 9.22 -7.91 12.92
C THR A 24 10.09 -7.66 11.68
N GLU A 25 10.81 -6.55 11.61
CA GLU A 25 11.63 -6.32 10.43
C GLU A 25 12.72 -7.35 10.27
N ARG A 26 13.20 -7.93 11.36
CA ARG A 26 14.21 -8.98 11.25
C ARG A 26 13.73 -10.17 10.43
N GLU A 27 12.42 -10.47 10.48
CA GLU A 27 11.87 -11.57 9.69
C GLU A 27 12.09 -11.32 8.20
N LEU A 28 11.99 -10.06 7.76
CA LEU A 28 12.26 -9.73 6.37
C LEU A 28 13.72 -9.97 6.06
N LEU A 29 14.60 -9.42 6.89
CA LEU A 29 16.04 -9.56 6.66
C LEU A 29 16.46 -11.03 6.56
N GLU A 30 15.92 -11.86 7.45
CA GLU A 30 16.30 -13.28 7.46
C GLU A 30 15.84 -14.00 6.21
N SER A 31 14.85 -13.48 5.50
CA SER A 31 14.40 -14.08 4.25
C SER A 31 15.26 -13.71 3.05
N TYR A 32 16.15 -12.73 3.18
CA TYR A 32 16.90 -12.22 2.03
C TYR A 32 18.22 -13.00 1.97
N ILE A 33 18.13 -14.23 1.45
CA ILE A 33 19.17 -15.25 1.53
C ILE A 33 19.88 -15.46 0.22
N ILE B 1 -6.53 -6.75 6.38
CA ILE B 1 -5.42 -7.67 6.53
C ILE B 1 -5.89 -8.84 7.39
N VAL B 2 -5.67 -10.07 6.91
CA VAL B 2 -6.05 -11.30 7.62
C VAL B 2 -4.81 -11.89 8.27
N GLU B 3 -4.93 -12.21 9.56
CA GLU B 3 -3.87 -12.89 10.31
CA GLU B 3 -3.88 -12.88 10.32
C GLU B 3 -2.63 -12.02 10.43
N GLY B 4 -2.83 -10.71 10.51
CA GLY B 4 -1.78 -9.77 10.82
C GLY B 4 -1.80 -9.36 12.29
N SER B 5 -1.11 -8.26 12.59
N SER B 5 -1.12 -8.25 12.57
CA SER B 5 -1.06 -7.72 13.94
CA SER B 5 -0.99 -7.71 13.92
C SER B 5 -1.18 -6.20 13.86
C SER B 5 -1.18 -6.20 13.86
N ASP B 6 -1.44 -5.61 15.01
CA ASP B 6 -1.48 -4.16 15.10
C ASP B 6 -0.11 -3.58 14.75
N ALA B 7 -0.10 -2.55 13.93
CA ALA B 7 1.12 -1.84 13.65
C ALA B 7 1.63 -1.13 14.90
N GLU B 8 2.96 -0.99 14.98
CA GLU B 8 3.56 -0.06 15.92
C GLU B 8 3.34 1.38 15.48
N ILE B 9 3.40 2.30 16.45
CA ILE B 9 3.32 3.71 16.12
C ILE B 9 4.49 4.10 15.22
N GLY B 10 4.17 4.79 14.12
CA GLY B 10 5.17 5.23 13.16
C GLY B 10 5.82 4.13 12.35
N MET B 11 5.24 2.95 12.35
CA MET B 11 5.85 1.81 11.65
C MET B 11 5.78 1.96 10.14
N SER B 12 4.72 2.61 9.64
CA SER B 12 4.45 2.72 8.21
CA SER B 12 4.47 2.73 8.20
C SER B 12 4.06 4.17 7.93
N PRO B 13 5.01 5.11 8.06
CA PRO B 13 4.63 6.55 8.04
C PRO B 13 4.29 7.05 6.66
N TRP B 14 4.46 6.22 5.64
CA TRP B 14 4.01 6.49 4.30
C TRP B 14 2.57 6.00 4.05
N GLN B 15 1.95 5.35 5.03
N GLN B 15 1.95 5.32 5.02
CA GLN B 15 0.58 4.88 4.85
CA GLN B 15 0.60 4.80 4.78
C GLN B 15 -0.33 6.06 4.59
C GLN B 15 -0.41 5.94 4.68
N VAL B 16 -1.25 5.88 3.65
CA VAL B 16 -2.28 6.87 3.37
C VAL B 16 -3.63 6.17 3.34
N MET B 17 -4.65 6.84 3.87
CA MET B 17 -6.03 6.40 3.73
C MET B 17 -6.74 7.28 2.71
N LEU B 18 -7.32 6.65 1.68
N LEU B 18 -7.32 6.64 1.70
CA LEU B 18 -8.19 7.34 0.73
CA LEU B 18 -8.23 7.31 0.80
C LEU B 18 -9.59 7.32 1.34
C LEU B 18 -9.60 7.32 1.43
N PHE B 19 -10.19 8.49 1.48
CA PHE B 19 -11.41 8.69 2.25
C PHE B 19 -12.46 9.38 1.40
N ARG B 20 -13.67 8.83 1.40
N ARG B 20 -13.66 8.84 1.41
CA ARG B 20 -14.78 9.45 0.68
CA ARG B 20 -14.77 9.45 0.69
C ARG B 20 -15.34 10.59 1.51
C ARG B 20 -15.34 10.59 1.51
N LYS B 21 -15.63 11.72 0.85
CA LYS B 21 -16.17 12.88 1.56
C LYS B 21 -17.60 12.66 2.02
N SER B 22 -18.43 12.04 1.18
CA SER B 22 -19.85 11.91 1.49
C SER B 22 -20.42 10.68 0.77
N PRO B 23 -20.83 9.65 1.53
CA PRO B 23 -20.72 9.53 2.99
C PRO B 23 -19.26 9.37 3.40
N GLN B 24 -18.95 9.74 4.63
CA GLN B 24 -17.58 9.68 5.13
C GLN B 24 -17.22 8.22 5.41
N GLU B 25 -16.32 7.65 4.60
CA GLU B 25 -15.98 6.24 4.75
C GLU B 25 -14.63 5.97 4.11
N LEU B 26 -13.97 4.91 4.56
CA LEU B 26 -12.73 4.50 3.95
C LEU B 26 -13.00 3.94 2.57
N LEU B 27 -12.17 4.34 1.62
CA LEU B 27 -12.23 3.80 0.28
C LEU B 27 -11.09 2.86 -0.04
N CYS B 28 -9.88 3.15 0.40
CA CYS B 28 -8.71 2.39 -0.01
C CYS B 28 -7.54 2.81 0.85
N GLY B 29 -6.47 2.01 0.75
CA GLY B 29 -5.15 2.45 1.13
C GLY B 29 -4.43 3.12 -0.03
N ALA B 30 -3.24 3.60 0.29
CA ALA B 30 -2.39 4.36 -0.62
C ALA B 30 -1.07 4.60 0.10
N SER B 31 -0.11 5.22 -0.59
CA SER B 31 1.19 5.49 -0.01
C SER B 31 1.73 6.86 -0.41
N LEU B 32 2.49 7.45 0.50
CA LEU B 32 3.12 8.74 0.27
C LEU B 32 4.49 8.54 -0.36
N ILE B 33 4.71 9.12 -1.55
CA ILE B 33 5.98 8.99 -2.24
C ILE B 33 6.76 10.30 -2.33
N SER B 34 6.16 11.41 -1.95
CA SER B 34 6.87 12.70 -1.84
C SER B 34 5.93 13.60 -1.06
N ASP B 35 6.28 14.89 -0.91
CA ASP B 35 5.40 15.79 -0.18
C ASP B 35 4.12 16.13 -0.93
N ARG B 36 3.99 15.75 -2.19
CA ARG B 36 2.81 16.13 -2.95
C ARG B 36 2.21 15.02 -3.79
N TRP B 37 2.78 13.82 -3.76
CA TRP B 37 2.30 12.71 -4.58
C TRP B 37 1.98 11.48 -3.74
N VAL B 38 0.83 10.88 -4.05
CA VAL B 38 0.34 9.67 -3.40
C VAL B 38 0.11 8.62 -4.47
N LEU B 39 0.53 7.40 -4.18
CA LEU B 39 0.40 6.26 -5.08
C LEU B 39 -0.70 5.32 -4.57
N THR B 40 -1.52 4.79 -5.49
CA THR B 40 -2.58 3.87 -5.11
C THR B 40 -2.84 2.93 -6.28
N ALA B 41 -3.84 2.07 -6.10
CA ALA B 41 -4.32 1.20 -7.18
C ALA B 41 -5.34 1.96 -8.02
N ALA B 42 -5.27 1.75 -9.34
CA ALA B 42 -6.26 2.34 -10.23
C ALA B 42 -7.68 1.93 -9.86
N HIS B 43 -7.88 0.66 -9.43
CA HIS B 43 -9.24 0.22 -9.14
C HIS B 43 -9.85 0.92 -7.92
N CYS B 44 -9.04 1.62 -7.13
CA CYS B 44 -9.57 2.44 -6.06
C CYS B 44 -10.32 3.64 -6.58
N LEU B 45 -9.99 4.08 -7.79
CA LEU B 45 -10.54 5.29 -8.38
C LEU B 45 -11.45 5.00 -9.55
N LEU B 46 -11.21 3.93 -10.30
CA LEU B 46 -11.93 3.64 -11.53
C LEU B 46 -12.18 2.15 -11.62
N TYR B 47 -13.44 1.74 -11.56
CA TYR B 47 -13.80 0.34 -11.77
C TYR B 47 -15.24 0.31 -12.29
N PRO B 48 -15.42 0.43 -13.61
CA PRO B 48 -16.76 0.55 -14.19
C PRO B 48 -17.67 -0.64 -13.93
N PRO B 49 -17.16 -1.87 -13.77
CA PRO B 49 -18.09 -2.98 -13.45
C PRO B 49 -18.88 -2.74 -12.18
N TRP B 50 -18.34 -1.93 -11.25
CA TRP B 50 -19.00 -1.59 -9.99
C TRP B 50 -19.48 -0.14 -9.95
N ASP B 51 -19.55 0.51 -11.11
CA ASP B 51 -20.02 1.88 -11.22
C ASP B 51 -19.14 2.83 -10.42
N LYS B 52 -17.85 2.54 -10.34
N LYS B 52 -17.84 2.53 -10.33
CA LYS B 52 -16.90 3.37 -9.60
CA LYS B 52 -16.90 3.37 -9.60
C LYS B 52 -16.11 4.23 -10.58
C LYS B 52 -16.10 4.24 -10.57
N ASN B 53 -16.20 5.55 -10.41
CA ASN B 53 -15.40 6.47 -11.21
C ASN B 53 -15.33 7.79 -10.46
N PHE B 54 -14.38 7.89 -9.54
CA PHE B 54 -14.31 9.05 -8.67
C PHE B 54 -13.64 10.23 -9.36
N THR B 55 -14.09 11.42 -9.00
CA THR B 55 -13.39 12.65 -9.36
C THR B 55 -12.62 13.19 -8.15
N GLU B 56 -11.74 14.15 -8.43
CA GLU B 56 -10.88 14.69 -7.37
C GLU B 56 -11.69 15.22 -6.19
N ASN B 57 -12.80 15.90 -6.47
CA ASN B 57 -13.55 16.56 -5.40
C ASN B 57 -14.37 15.57 -4.57
N ASP B 58 -14.41 14.30 -4.97
CA ASP B 58 -15.13 13.29 -4.22
C ASP B 58 -14.36 12.81 -3.02
N LEU B 59 -13.06 13.11 -2.94
CA LEU B 59 -12.12 12.34 -2.14
C LEU B 59 -11.23 13.23 -1.30
N LEU B 60 -10.71 12.64 -0.23
CA LEU B 60 -9.65 13.22 0.58
C LEU B 60 -8.61 12.15 0.83
N VAL B 61 -7.40 12.57 1.19
CA VAL B 61 -6.41 11.65 1.70
C VAL B 61 -6.08 12.01 3.14
N ARG B 62 -5.91 11.00 3.95
CA ARG B 62 -5.59 11.16 5.37
C ARG B 62 -4.25 10.46 5.62
N ILE B 63 -3.30 11.23 6.12
CA ILE B 63 -1.90 10.83 6.18
C ILE B 63 -1.48 10.88 7.65
N GLY B 64 -0.65 9.94 8.08
CA GLY B 64 -0.19 9.89 9.45
C GLY B 64 -1.08 9.14 10.38
N LYS B 65 -2.02 8.35 9.86
CA LYS B 65 -2.99 7.68 10.70
C LYS B 65 -2.51 6.35 11.29
N HIS B 66 -3.14 6.00 12.40
CA HIS B 66 -2.97 4.72 13.05
C HIS B 66 -4.34 4.10 13.29
N SER B 67 -5.17 4.76 14.10
CA SER B 67 -6.57 4.36 14.24
C SER B 67 -7.30 4.41 12.91
N ARG B 68 -8.15 3.39 12.67
CA ARG B 68 -8.97 3.38 11.46
C ARG B 68 -10.01 4.49 11.50
N THR B 69 -10.80 4.56 12.58
CA THR B 69 -12.02 5.36 12.54
C THR B 69 -11.90 6.71 13.26
N ARG B 70 -10.90 6.87 14.12
N ARG B 70 -10.93 6.90 14.12
CA ARG B 70 -10.76 8.09 14.90
CA ARG B 70 -10.96 8.11 14.90
C ARG B 70 -10.24 9.25 14.05
C ARG B 70 -10.18 9.23 14.20
N TYR B 71 -10.62 10.47 14.43
CA TYR B 71 -9.95 11.66 13.93
C TYR B 71 -8.75 11.92 14.85
N GLU B 72 -7.53 11.71 14.33
CA GLU B 72 -6.32 11.68 15.15
C GLU B 72 -5.74 13.08 15.21
N ARG B 73 -6.41 13.88 16.06
CA ARG B 73 -6.07 15.28 16.20
C ARG B 73 -4.60 15.47 16.57
N ASN B 74 -3.98 16.45 15.91
CA ASN B 74 -2.58 16.83 16.10
C ASN B 74 -1.58 15.82 15.53
N ILE B 75 -2.05 14.79 14.86
CA ILE B 75 -1.19 13.74 14.32
C ILE B 75 -1.48 13.55 12.83
N GLU B 76 -2.69 13.17 12.48
CA GLU B 76 -2.98 12.99 11.07
C GLU B 76 -3.13 14.33 10.38
N LYS B 77 -2.90 14.30 9.06
CA LYS B 77 -3.11 15.46 8.21
C LYS B 77 -4.02 15.08 7.06
N ILE B 78 -4.95 15.94 6.73
CA ILE B 78 -5.97 15.70 5.72
C ILE B 78 -5.70 16.63 4.54
N SER B 79 -5.58 16.06 3.34
CA SER B 79 -5.23 16.81 2.14
C SER B 79 -6.28 16.61 1.05
N MET B 80 -6.50 17.67 0.29
N MET B 80 -6.48 17.68 0.29
CA MET B 80 -7.38 17.61 -0.87
CA MET B 80 -7.30 17.67 -0.91
C MET B 80 -6.56 17.29 -2.12
C MET B 80 -6.48 17.16 -2.09
N LEU B 81 -7.24 16.74 -3.14
N LEU B 81 -7.20 16.78 -3.16
CA LEU B 81 -6.58 16.31 -4.36
CA LEU B 81 -6.57 16.30 -4.39
C LEU B 81 -6.61 17.41 -5.41
C LEU B 81 -6.63 17.36 -5.46
N GLU B 82 -5.47 17.68 -6.04
CA GLU B 82 -5.43 18.50 -7.24
C GLU B 82 -5.81 17.72 -8.48
N LYS B 83 -5.25 16.52 -8.66
CA LYS B 83 -5.47 15.79 -9.90
C LYS B 83 -5.20 14.30 -9.68
N ILE B 84 -6.03 13.47 -10.31
CA ILE B 84 -5.87 12.04 -10.42
C ILE B 84 -5.28 11.70 -11.77
N TYR B 85 -4.33 10.74 -11.78
CA TYR B 85 -3.74 10.20 -13.00
C TYR B 85 -3.81 8.68 -12.95
N ILE B 86 -4.60 8.11 -13.86
N ILE B 86 -4.54 8.09 -13.88
CA ILE B 86 -4.74 6.66 -14.01
CA ILE B 86 -4.68 6.65 -13.95
C ILE B 86 -3.78 6.21 -15.11
C ILE B 86 -3.86 6.15 -15.14
N HIS B 87 -3.17 5.04 -14.95
CA HIS B 87 -2.35 4.50 -16.02
C HIS B 87 -3.21 4.38 -17.28
N PRO B 88 -2.74 4.86 -18.44
CA PRO B 88 -3.59 4.83 -19.64
C PRO B 88 -3.86 3.45 -20.16
N ARG B 89 -3.09 2.45 -19.74
CA ARG B 89 -3.31 1.05 -20.15
C ARG B 89 -3.78 0.19 -18.99
N TYR B 90 -4.28 0.81 -17.92
CA TYR B 90 -4.95 0.05 -16.86
C TYR B 90 -6.09 -0.75 -17.44
N ASN B 91 -6.08 -2.06 -17.21
CA ASN B 91 -7.05 -2.97 -17.81
C ASN B 91 -8.10 -3.40 -16.79
N TRP B 92 -9.12 -2.56 -16.63
CA TRP B 92 -10.24 -2.90 -15.77
C TRP B 92 -11.19 -3.88 -16.46
N ARG B 93 -11.05 -4.06 -17.77
N ARG B 93 -11.09 -4.05 -17.77
CA ARG B 93 -11.98 -4.89 -18.52
CA ARG B 93 -12.03 -4.93 -18.44
C ARG B 93 -11.72 -6.38 -18.32
C ARG B 93 -11.75 -6.38 -18.12
N GLU B 94 -10.47 -6.77 -18.07
CA GLU B 94 -10.09 -8.17 -17.97
C GLU B 94 -9.50 -8.59 -16.63
N ASN B 95 -8.27 -8.17 -16.33
CA ASN B 95 -7.52 -8.78 -15.24
C ASN B 95 -6.81 -7.79 -14.34
N LEU B 96 -7.20 -6.51 -14.36
CA LEU B 96 -6.56 -5.48 -13.55
C LEU B 96 -5.08 -5.27 -13.90
N ASP B 97 -4.68 -5.58 -15.13
CA ASP B 97 -3.30 -5.30 -15.55
C ASP B 97 -3.00 -3.81 -15.40
N ARG B 98 -1.82 -3.50 -14.88
CA ARG B 98 -1.35 -2.13 -14.71
C ARG B 98 -2.25 -1.35 -13.75
N ASP B 99 -2.50 -1.96 -12.59
CA ASP B 99 -3.45 -1.42 -11.59
C ASP B 99 -2.71 -0.38 -10.73
N ILE B 100 -2.57 0.82 -11.29
CA ILE B 100 -1.75 1.86 -10.67
C ILE B 100 -2.32 3.24 -11.00
N ALA B 101 -2.27 4.14 -10.02
CA ALA B 101 -2.72 5.52 -10.18
C ALA B 101 -1.91 6.40 -9.23
N LEU B 102 -1.79 7.66 -9.62
CA LEU B 102 -1.17 8.71 -8.83
C LEU B 102 -2.19 9.80 -8.52
N MET B 103 -2.02 10.41 -7.37
CA MET B 103 -2.83 11.54 -6.97
C MET B 103 -1.89 12.66 -6.52
N LYS B 104 -2.06 13.84 -7.11
CA LYS B 104 -1.28 15.01 -6.72
C LYS B 104 -2.10 15.80 -5.71
N LEU B 105 -1.46 16.15 -4.59
CA LEU B 105 -2.13 16.90 -3.55
C LEU B 105 -2.20 18.37 -3.89
N LYS B 106 -3.23 19.04 -3.37
CA LYS B 106 -3.38 20.47 -3.63
C LYS B 106 -2.24 21.28 -3.03
N LYS B 107 -1.72 20.85 -1.89
CA LYS B 107 -0.63 21.54 -1.21
C LYS B 107 0.30 20.48 -0.64
N PRO B 108 1.59 20.77 -0.50
CA PRO B 108 2.48 19.77 0.08
C PRO B 108 2.14 19.49 1.54
N VAL B 109 2.34 18.24 1.96
CA VAL B 109 2.11 17.85 3.35
C VAL B 109 3.42 18.01 4.12
N ALA B 110 3.31 18.45 5.37
CA ALA B 110 4.48 18.55 6.23
C ALA B 110 4.84 17.18 6.79
N PHE B 111 6.10 16.79 6.63
CA PHE B 111 6.55 15.54 7.22
C PHE B 111 6.64 15.68 8.74
N SER B 112 6.59 14.55 9.43
CA SER B 112 6.60 14.51 10.89
C SER B 112 7.07 13.12 11.32
N ASP B 113 7.01 12.84 12.63
CA ASP B 113 7.34 11.50 13.08
C ASP B 113 6.41 10.45 12.49
N TYR B 114 5.22 10.86 12.06
CA TYR B 114 4.16 9.96 11.63
C TYR B 114 3.93 9.99 10.13
N ILE B 115 4.57 10.92 9.41
CA ILE B 115 4.33 11.21 8.00
C ILE B 115 5.70 11.30 7.31
N HIS B 116 6.00 10.36 6.43
CA HIS B 116 7.30 10.30 5.79
C HIS B 116 7.20 9.46 4.54
N PRO B 117 7.85 9.80 3.44
CA PRO B 117 7.69 9.05 2.19
C PRO B 117 8.50 7.77 2.13
N VAL B 118 7.94 6.81 1.39
CA VAL B 118 8.63 5.57 1.06
C VAL B 118 9.43 5.77 -0.22
N CYS B 119 10.48 4.97 -0.41
CA CYS B 119 11.22 5.02 -1.67
C CYS B 119 10.58 4.15 -2.73
N LEU B 120 10.76 4.54 -3.99
CA LEU B 120 10.44 3.66 -5.10
C LEU B 120 11.68 2.95 -5.58
N PRO B 121 11.61 1.68 -5.96
CA PRO B 121 12.82 0.92 -6.30
C PRO B 121 13.45 1.34 -7.61
N ASP B 122 14.78 1.33 -7.63
CA ASP B 122 15.58 1.27 -8.83
C ASP B 122 15.59 -0.16 -9.39
N ARG B 123 16.11 -0.32 -10.62
CA ARG B 123 16.10 -1.62 -11.28
C ARG B 123 16.86 -2.67 -10.46
N GLU B 124 17.98 -2.28 -9.87
CA GLU B 124 18.84 -3.26 -9.20
C GLU B 124 18.29 -3.67 -7.85
N THR B 125 17.73 -2.73 -7.09
CA THR B 125 17.06 -3.12 -5.85
C THR B 125 15.89 -4.04 -6.17
N ALA B 126 15.13 -3.75 -7.23
CA ALA B 126 14.02 -4.62 -7.60
C ALA B 126 14.51 -6.00 -8.01
N ALA B 127 15.55 -6.07 -8.83
CA ALA B 127 16.04 -7.37 -9.28
C ALA B 127 16.56 -8.18 -8.12
N SER B 128 17.24 -7.51 -7.18
N SER B 128 17.21 -7.49 -7.17
CA SER B 128 17.81 -8.20 -6.04
CA SER B 128 17.83 -8.17 -6.03
C SER B 128 16.74 -8.73 -5.10
C SER B 128 16.80 -8.68 -5.04
N LEU B 129 15.71 -7.93 -4.84
CA LEU B 129 14.77 -8.29 -3.78
C LEU B 129 13.51 -8.99 -4.22
N LEU B 130 13.08 -8.90 -5.48
N LEU B 130 13.12 -8.88 -5.51
CA LEU B 130 11.80 -9.49 -5.87
CA LEU B 130 11.92 -9.54 -6.04
C LEU B 130 12.02 -10.94 -6.33
C LEU B 130 12.26 -10.99 -6.38
N GLN B 131 12.38 -11.77 -5.35
CA GLN B 131 12.75 -13.18 -5.53
C GLN B 131 11.84 -14.04 -4.67
N ALA B 132 11.53 -15.21 -5.18
CA ALA B 132 10.68 -16.12 -4.44
C ALA B 132 11.28 -16.42 -3.07
N GLY B 133 10.44 -16.38 -2.05
CA GLY B 133 10.83 -16.62 -0.68
C GLY B 133 11.18 -15.37 0.08
N TYR B 134 11.61 -14.31 -0.61
CA TYR B 134 11.92 -13.05 0.07
C TYR B 134 10.62 -12.41 0.52
N LYS B 135 10.62 -11.90 1.75
CA LYS B 135 9.40 -11.38 2.35
C LYS B 135 9.30 -9.87 2.22
N GLY B 136 8.06 -9.41 1.97
CA GLY B 136 7.70 -8.02 2.09
C GLY B 136 6.63 -7.88 3.16
N ARG B 137 6.18 -6.65 3.31
CA ARG B 137 5.25 -6.27 4.36
C ARG B 137 4.09 -5.50 3.75
N VAL B 138 2.88 -5.90 4.11
CA VAL B 138 1.65 -5.28 3.64
C VAL B 138 0.92 -4.69 4.83
N THR B 139 0.34 -3.52 4.65
CA THR B 139 -0.34 -2.80 5.70
C THR B 139 -1.69 -2.27 5.21
N GLY B 140 -2.66 -2.24 6.12
CA GLY B 140 -3.93 -1.67 5.74
C GLY B 140 -4.96 -1.75 6.85
N TRP B 141 -6.08 -1.09 6.58
CA TRP B 141 -7.24 -1.03 7.47
C TRP B 141 -8.40 -1.84 6.93
N GLY B 142 -8.15 -2.74 5.98
CA GLY B 142 -9.20 -3.53 5.41
C GLY B 142 -9.65 -4.69 6.29
N ASN B 143 -10.50 -5.51 5.70
CA ASN B 143 -11.18 -6.55 6.45
C ASN B 143 -10.21 -7.53 7.09
N LEU B 144 -10.56 -7.98 8.29
CA LEU B 144 -9.78 -8.95 9.04
C LEU B 144 -10.07 -10.38 8.62
N LYS B 145 -11.16 -10.61 7.88
CA LYS B 145 -11.51 -11.93 7.40
C LYS B 145 -12.26 -11.77 6.08
N GLU B 146 -12.21 -12.83 5.27
CA GLU B 146 -12.93 -12.82 4.00
C GLU B 146 -14.40 -12.51 4.20
N THR B 147 -15.02 -13.13 5.18
CA THR B 147 -16.46 -12.97 5.40
C THR B 147 -16.76 -12.54 6.82
N GLY B 155 -14.90 -7.68 12.28
CA GLY B 155 -14.71 -7.59 10.85
C GLY B 155 -13.65 -6.60 10.41
N GLN B 156 -13.62 -5.43 11.05
CA GLN B 156 -12.69 -4.37 10.70
C GLN B 156 -11.84 -3.98 11.90
N PRO B 157 -10.62 -3.56 11.67
CA PRO B 157 -9.68 -3.32 12.76
C PRO B 157 -9.84 -1.97 13.44
N SER B 158 -9.44 -1.95 14.71
CA SER B 158 -9.32 -0.66 15.40
C SER B 158 -8.17 0.17 14.87
N VAL B 159 -7.02 -0.46 14.59
CA VAL B 159 -5.83 0.26 14.14
C VAL B 159 -5.22 -0.46 12.94
N LEU B 160 -4.31 0.24 12.27
CA LEU B 160 -3.62 -0.27 11.10
C LEU B 160 -3.05 -1.65 11.40
N GLN B 161 -3.23 -2.57 10.44
CA GLN B 161 -2.73 -3.93 10.53
C GLN B 161 -1.53 -4.12 9.62
N VAL B 162 -0.70 -5.09 9.99
N VAL B 162 -0.65 -5.05 10.01
CA VAL B 162 0.56 -5.39 9.34
CA VAL B 162 0.60 -5.35 9.31
C VAL B 162 0.67 -6.90 9.19
C VAL B 162 0.79 -6.86 9.23
N VAL B 163 1.23 -7.33 8.07
CA VAL B 163 1.61 -8.73 7.91
C VAL B 163 2.80 -8.80 6.96
N ASN B 164 3.72 -9.71 7.29
CA ASN B 164 4.87 -9.98 6.44
C ASN B 164 4.63 -11.27 5.66
N LEU B 165 4.88 -11.26 4.35
CA LEU B 165 4.51 -12.36 3.47
C LEU B 165 5.59 -12.61 2.43
N PRO B 166 5.88 -13.87 2.11
CA PRO B 166 6.90 -14.17 1.10
C PRO B 166 6.37 -14.06 -0.33
N ILE B 167 7.22 -13.52 -1.20
CA ILE B 167 6.97 -13.56 -2.63
C ILE B 167 6.95 -15.01 -3.08
N VAL B 168 6.09 -15.31 -4.03
CA VAL B 168 5.87 -16.67 -4.52
C VAL B 168 6.40 -16.80 -5.95
N GLU B 169 6.93 -17.99 -6.25
CA GLU B 169 7.39 -18.33 -7.58
C GLU B 169 6.28 -18.09 -8.61
N ARG B 170 6.64 -17.51 -9.76
CA ARG B 170 5.62 -17.16 -10.76
C ARG B 170 4.80 -18.35 -11.23
N PRO B 171 5.37 -19.54 -11.45
CA PRO B 171 4.50 -20.66 -11.88
C PRO B 171 3.48 -21.03 -10.84
N VAL B 172 3.81 -20.93 -9.56
CA VAL B 172 2.84 -21.22 -8.50
C VAL B 172 1.74 -20.17 -8.49
N CYS B 173 2.11 -18.89 -8.65
CA CYS B 173 1.08 -17.87 -8.76
C CYS B 173 0.14 -18.18 -9.91
N LYS B 174 0.69 -18.47 -11.08
CA LYS B 174 -0.13 -18.71 -12.26
C LYS B 174 -1.05 -19.91 -12.07
N ASP B 175 -0.53 -20.96 -11.46
CA ASP B 175 -1.25 -22.22 -11.30
C ASP B 175 -2.28 -22.18 -10.18
N SER B 176 -2.39 -21.07 -9.46
CA SER B 176 -3.34 -20.94 -8.36
C SER B 176 -4.65 -20.31 -8.80
N THR B 177 -4.78 -19.90 -10.05
CA THR B 177 -5.89 -19.06 -10.48
C THR B 177 -6.16 -19.29 -11.94
N ARG B 178 -7.37 -18.97 -12.37
CA ARG B 178 -7.72 -18.91 -13.78
C ARG B 178 -7.50 -17.54 -14.40
N ILE B 179 -7.28 -16.51 -13.60
CA ILE B 179 -7.01 -15.19 -14.14
C ILE B 179 -5.67 -15.17 -14.85
N ARG B 180 -5.60 -14.42 -15.95
CA ARG B 180 -4.37 -14.25 -16.70
C ARG B 180 -3.41 -13.34 -15.93
N ILE B 181 -2.26 -13.88 -15.56
CA ILE B 181 -1.26 -13.12 -14.81
C ILE B 181 -0.30 -12.47 -15.80
N THR B 182 0.10 -11.23 -15.55
CA THR B 182 1.04 -10.53 -16.40
C THR B 182 2.32 -10.18 -15.65
N ASP B 183 3.32 -9.71 -16.41
CA ASP B 183 4.57 -9.25 -15.83
C ASP B 183 4.39 -8.01 -14.96
N ASN B 184 3.25 -7.35 -15.01
CA ASN B 184 2.97 -6.19 -14.17
C ASN B 184 2.36 -6.57 -12.84
N MET B 185 2.39 -7.85 -12.51
CA MET B 185 1.86 -8.38 -11.26
C MET B 185 2.89 -9.30 -10.64
N PHE B 186 2.83 -9.43 -9.31
CA PHE B 186 3.48 -10.55 -8.63
C PHE B 186 2.55 -11.03 -7.54
N CYS B 187 2.79 -12.22 -7.01
CA CYS B 187 1.95 -12.71 -5.91
C CYS B 187 2.80 -13.07 -4.70
N ALA B 188 2.14 -13.05 -3.53
CA ALA B 188 2.81 -13.29 -2.26
C ALA B 188 1.83 -13.96 -1.29
N GLY B 189 2.38 -14.72 -0.37
CA GLY B 189 1.62 -15.45 0.63
C GLY B 189 2.29 -16.78 0.93
N TYR B 190 1.87 -17.39 2.04
CA TYR B 190 2.40 -18.69 2.40
C TYR B 190 1.68 -19.79 1.66
N LYS B 191 2.38 -20.88 1.41
N LYS B 191 2.38 -20.88 1.42
CA LYS B 191 1.78 -22.06 0.83
CA LYS B 191 1.78 -22.06 0.83
C LYS B 191 1.07 -22.86 1.92
C LYS B 191 1.10 -22.89 1.91
N PRO B 192 0.12 -23.72 1.54
CA PRO B 192 -0.56 -24.55 2.56
C PRO B 192 0.40 -25.30 3.46
N ASP B 193 1.46 -25.89 2.89
CA ASP B 193 2.37 -26.71 3.66
C ASP B 193 3.31 -25.89 4.54
N GLU B 194 3.30 -24.57 4.42
CA GLU B 194 4.18 -23.74 5.23
C GLU B 194 3.59 -23.40 6.59
N GLY B 195 2.29 -23.69 6.81
CA GLY B 195 1.70 -23.48 8.13
C GLY B 195 1.27 -22.05 8.42
N LYS B 196 2.19 -21.10 8.37
CA LYS B 196 1.88 -19.70 8.64
C LYS B 196 0.87 -19.20 7.62
N ARG B 197 0.16 -18.14 7.98
CA ARG B 197 -0.95 -17.63 7.17
C ARG B 197 -0.83 -16.12 7.02
N GLY B 198 -1.81 -15.52 6.36
CA GLY B 198 -1.88 -14.07 6.21
C GLY B 198 -2.13 -13.66 4.79
N ASP B 199 -2.81 -12.53 4.63
CA ASP B 199 -3.15 -12.01 3.31
C ASP B 199 -3.67 -10.58 3.49
N ALA B 200 -3.62 -9.82 2.39
CA ALA B 200 -4.44 -8.63 2.27
C ALA B 200 -5.89 -9.05 2.03
N CYS B 201 -6.79 -8.07 2.06
CA CYS B 201 -8.20 -8.35 1.84
C CYS B 201 -8.88 -7.09 1.32
N GLU B 202 -10.17 -7.21 1.02
CA GLU B 202 -10.94 -6.03 0.61
C GLU B 202 -10.76 -4.92 1.66
N GLY B 203 -10.61 -3.68 1.18
CA GLY B 203 -10.29 -2.54 2.01
C GLY B 203 -8.81 -2.24 2.11
N ASP B 204 -7.95 -3.21 1.81
CA ASP B 204 -6.50 -3.00 1.79
C ASP B 204 -6.01 -2.53 0.42
N SER B 205 -6.86 -2.62 -0.58
CA SER B 205 -6.61 -2.14 -1.94
C SER B 205 -5.81 -0.87 -1.93
N GLY B 206 -4.80 -0.79 -2.78
CA GLY B 206 -4.09 0.44 -2.97
C GLY B 206 -2.96 0.68 -2.01
N GLY B 207 -2.91 -0.05 -0.92
CA GLY B 207 -1.83 0.10 0.05
C GLY B 207 -0.55 -0.56 -0.41
N PRO B 208 0.51 -0.33 0.35
CA PRO B 208 1.84 -0.73 -0.13
C PRO B 208 2.27 -2.12 0.34
N PHE B 209 3.05 -2.79 -0.54
CA PHE B 209 3.87 -3.96 -0.21
C PHE B 209 5.30 -3.44 -0.25
N VAL B 210 5.94 -3.42 0.91
CA VAL B 210 7.26 -2.82 1.08
C VAL B 210 8.28 -3.86 1.48
N MET B 211 9.55 -3.56 1.17
CA MET B 211 10.69 -4.39 1.51
C MET B 211 11.76 -3.47 2.06
N LYS B 212 12.52 -3.92 3.04
CA LYS B 212 13.59 -3.12 3.63
C LYS B 212 14.90 -3.57 2.99
N SER B 213 15.52 -2.69 2.23
CA SER B 213 16.75 -3.08 1.55
C SER B 213 17.83 -3.43 2.57
N PRO B 214 18.49 -4.58 2.44
CA PRO B 214 19.60 -4.89 3.34
C PRO B 214 20.89 -4.18 2.94
N PHE B 215 20.88 -3.53 1.79
CA PHE B 215 22.05 -2.81 1.29
C PHE B 215 22.15 -1.42 1.89
N ASN B 216 21.03 -0.69 1.98
CA ASN B 216 21.05 0.69 2.43
C ASN B 216 20.07 0.98 3.55
N ASN B 217 19.38 -0.06 4.03
N ASN B 217 19.39 -0.01 4.13
CA ASN B 217 18.48 0.00 5.18
CA ASN B 217 18.57 0.23 5.34
C ASN B 217 17.40 1.05 5.00
C ASN B 217 17.26 0.95 5.04
N ARG B 218 16.90 1.16 3.78
CA ARG B 218 15.74 1.96 3.42
C ARG B 218 14.58 1.08 2.99
N TRP B 219 13.37 1.53 3.29
CA TRP B 219 12.16 0.87 2.81
C TRP B 219 11.79 1.30 1.41
N TYR B 220 11.50 0.30 0.58
CA TYR B 220 11.09 0.47 -0.81
C TYR B 220 9.71 -0.13 -1.01
N GLN B 221 8.91 0.53 -1.84
CA GLN B 221 7.58 0.00 -2.18
C GLN B 221 7.70 -0.79 -3.48
N MET B 222 7.65 -2.11 -3.37
N MET B 222 7.60 -2.11 -3.36
CA MET B 222 7.69 -2.97 -4.54
CA MET B 222 7.71 -3.01 -4.49
C MET B 222 6.33 -3.22 -5.15
C MET B 222 6.36 -3.36 -5.10
N GLY B 223 5.27 -3.24 -4.33
CA GLY B 223 3.96 -3.62 -4.83
C GLY B 223 2.87 -2.71 -4.31
N ILE B 224 1.71 -2.82 -4.96
CA ILE B 224 0.47 -2.19 -4.55
C ILE B 224 -0.56 -3.30 -4.38
N VAL B 225 -1.30 -3.28 -3.28
CA VAL B 225 -2.36 -4.29 -3.11
C VAL B 225 -3.37 -4.15 -4.24
N SER B 226 -3.55 -5.22 -5.02
CA SER B 226 -4.38 -5.16 -6.21
C SER B 226 -5.59 -6.09 -6.14
N TRP B 227 -5.39 -7.40 -6.05
CA TRP B 227 -6.54 -8.31 -6.13
C TRP B 227 -6.22 -9.65 -5.48
N GLY B 228 -7.29 -10.43 -5.28
CA GLY B 228 -7.20 -11.78 -4.79
C GLY B 228 -8.56 -12.41 -4.95
N GLU B 229 -8.63 -13.70 -4.68
CA GLU B 229 -9.87 -14.47 -4.79
C GLU B 229 -10.17 -14.93 -3.37
N GLY B 230 -11.10 -14.24 -2.73
CA GLY B 230 -11.29 -14.39 -1.30
C GLY B 230 -10.13 -13.74 -0.55
N CYS B 231 -9.93 -14.17 0.69
CA CYS B 231 -8.79 -13.70 1.48
C CYS B 231 -8.28 -14.84 2.36
N ASP B 232 -6.95 -15.01 2.35
CA ASP B 232 -6.25 -16.01 3.15
C ASP B 232 -6.76 -17.42 2.91
N ARG B 233 -7.18 -17.75 1.71
CA ARG B 233 -7.55 -19.12 1.39
C ARG B 233 -6.31 -19.98 1.15
N ASP B 234 -6.35 -21.22 1.61
CA ASP B 234 -5.27 -22.15 1.28
C ASP B 234 -5.14 -22.31 -0.23
N GLY B 235 -3.92 -22.21 -0.75
CA GLY B 235 -3.69 -22.41 -2.15
C GLY B 235 -3.94 -21.19 -3.01
N LYS B 236 -4.43 -20.10 -2.43
CA LYS B 236 -4.58 -18.83 -3.12
C LYS B 236 -3.52 -17.87 -2.59
N TYR B 237 -3.22 -16.86 -3.39
CA TYR B 237 -2.19 -15.89 -3.06
C TYR B 237 -2.72 -14.49 -3.35
N GLY B 238 -2.17 -13.49 -2.65
CA GLY B 238 -2.51 -12.12 -2.97
C GLY B 238 -1.70 -11.62 -4.16
N PHE B 239 -2.34 -10.83 -5.01
CA PHE B 239 -1.68 -10.24 -6.18
C PHE B 239 -1.47 -8.74 -5.98
N TYR B 240 -0.30 -8.29 -6.46
CA TYR B 240 0.22 -6.95 -6.25
C TYR B 240 0.70 -6.35 -7.56
N THR B 241 0.42 -5.06 -7.75
CA THR B 241 0.97 -4.36 -8.91
C THR B 241 2.48 -4.26 -8.74
N HIS B 242 3.20 -4.59 -9.81
CA HIS B 242 4.67 -4.57 -9.84
C HIS B 242 5.14 -3.13 -10.08
N VAL B 243 5.49 -2.41 -9.00
CA VAL B 243 5.76 -0.99 -9.08
C VAL B 243 6.93 -0.68 -10.01
N PHE B 244 8.04 -1.43 -9.87
CA PHE B 244 9.18 -1.13 -10.72
C PHE B 244 8.83 -1.22 -12.20
N ARG B 245 8.06 -2.24 -12.59
CA ARG B 245 7.71 -2.40 -14.00
C ARG B 245 6.97 -1.19 -14.56
N LEU B 246 6.29 -0.42 -13.71
CA LEU B 246 5.49 0.72 -14.12
C LEU B 246 6.14 2.04 -13.73
N LYS B 247 7.39 2.01 -13.30
CA LYS B 247 8.01 3.21 -12.79
C LYS B 247 8.27 4.25 -13.88
N LYS B 248 8.50 3.83 -15.12
CA LYS B 248 8.68 4.83 -16.16
C LYS B 248 7.44 5.70 -16.32
N TRP B 249 6.27 5.09 -16.18
CA TRP B 249 5.03 5.85 -16.21
C TRP B 249 4.94 6.81 -15.02
N ILE B 250 5.27 6.33 -13.83
CA ILE B 250 5.27 7.19 -12.64
C ILE B 250 6.14 8.40 -12.87
N GLN B 251 7.36 8.18 -13.37
CA GLN B 251 8.30 9.27 -13.55
C GLN B 251 7.82 10.23 -14.62
N LYS B 252 7.20 9.71 -15.70
CA LYS B 252 6.67 10.58 -16.74
C LYS B 252 5.61 11.51 -16.18
N VAL B 253 4.72 10.97 -15.36
CA VAL B 253 3.65 11.79 -14.79
C VAL B 253 4.23 12.85 -13.87
N ILE B 254 5.13 12.47 -12.98
CA ILE B 254 5.66 13.43 -12.02
C ILE B 254 6.50 14.49 -12.73
N ASP B 255 7.26 14.08 -13.75
CA ASP B 255 8.09 15.04 -14.49
C ASP B 255 7.21 16.03 -15.26
N GLN B 256 6.10 15.57 -15.83
CA GLN B 256 5.28 16.41 -16.67
C GLN B 256 4.37 17.31 -15.84
N PHE B 257 3.86 16.80 -14.73
CA PHE B 257 2.80 17.48 -13.99
C PHE B 257 3.20 17.93 -12.58
N GLY C 1 -20.69 5.05 13.87
CA GLY C 1 -20.29 6.04 12.89
C GLY C 1 -20.33 5.52 11.47
N ASP C 2 -19.40 4.64 11.11
CA ASP C 2 -18.41 4.08 12.04
C ASP C 2 -17.26 5.08 12.30
N PHE C 3 -17.16 6.09 11.44
CA PHE C 3 -16.03 7.02 11.47
C PHE C 3 -16.35 8.29 12.25
N GLU C 4 -15.41 8.72 13.07
CA GLU C 4 -15.53 10.00 13.73
C GLU C 4 -15.53 11.12 12.68
N GLU C 5 -16.43 12.09 12.85
CA GLU C 5 -16.52 13.18 11.90
C GLU C 5 -15.20 13.92 11.83
N ILE C 6 -14.79 14.29 10.61
CA ILE C 6 -13.56 15.06 10.49
C ILE C 6 -13.92 16.55 10.54
N PRO C 7 -12.96 17.41 10.86
CA PRO C 7 -13.25 18.85 10.90
C PRO C 7 -13.89 19.35 9.61
N GLU C 8 -14.83 20.28 9.76
CA GLU C 8 -15.59 20.79 8.62
C GLU C 8 -14.70 21.48 7.61
N GLU C 9 -13.58 22.05 8.04
CA GLU C 9 -12.69 22.75 7.12
C GLU C 9 -12.24 21.86 5.95
N LEU C 11 -14.00 19.67 4.39
CA LEU C 11 -15.10 19.28 3.51
C LEU C 11 -15.64 20.48 2.72
N GLN C 12 -15.11 21.67 2.99
CA GLN C 12 -15.60 22.87 2.33
C GLN C 12 -15.13 22.90 0.88
#